data_4UYF
#
_entry.id   4UYF
#
_cell.length_a   118.064
_cell.length_b   55.597
_cell.length_c   67.266
_cell.angle_alpha   90.00
_cell.angle_beta   93.99
_cell.angle_gamma   90.00
#
_symmetry.space_group_name_H-M   'C 1 2 1'
#
loop_
_entity.id
_entity.type
_entity.pdbx_description
1 polymer 'BROMODOMAIN-CONTAINING PROTEIN 2'
2 polymer 'BROMODOMAIN-CONTAINING PROTEIN 2'
3 non-polymer 1,2-ETHANEDIOL
4 non-polymer '4-[(2S,4R)-1-acetyl-4-[(4-chlorophenyl)amino]-2-methyl-1,2,3,4-tetrahydroquinolin-6-yl]benzoic acid'
5 non-polymer 'SULFATE ION'
6 water water
#
loop_
_entity_poly.entity_id
_entity_poly.type
_entity_poly.pdbx_seq_one_letter_code
_entity_poly.pdbx_strand_id
1 'polypeptide(L)'
;GSSHHHHHHSSGLVPRGSHMSNPKNPGRVTNQLQYLHKVVMKALWKHQFAWPFRQPVDAVKLGLPDYHKIIKQPMDMGTI
KRRLENNYYWAASECMQDFNTMFTNCYIYNKPTDDIVLMAQTLEKIFLQKVASMPQEEQELVVTIPKNSHKKGA
;
A
2 'polypeptide(L)'
;GSSHHHHHHSSGLVPRGSHMSNPKKPGRVTNQLQYLHKVVMKALWKHQFAWPFRQPVDAVKLGLPDYHKIIKQPMDMGTI
KRRLENNYYWAASECMQDFNTMFTNCYIYNKPTDDIVLMAQTLEKIFLQKVASMPQEEQELVVTIPKNSHKKGA
;
B,C
#
# COMPACT_ATOMS: atom_id res chain seq x y z
N ASN A 25 -17.85 -15.67 -11.62
CA ASN A 25 -17.31 -14.31 -11.89
C ASN A 25 -17.25 -13.46 -10.62
N PRO A 26 -16.40 -13.85 -9.65
CA PRO A 26 -16.29 -13.12 -8.39
C PRO A 26 -15.64 -11.75 -8.50
N GLY A 27 -14.72 -11.57 -9.45
CA GLY A 27 -13.98 -10.34 -9.55
C GLY A 27 -13.38 -10.05 -10.92
N ARG A 28 -12.46 -9.09 -10.93
CA ARG A 28 -11.79 -8.65 -12.15
C ARG A 28 -10.30 -8.47 -11.89
N VAL A 29 -9.54 -8.37 -12.98
CA VAL A 29 -8.17 -7.87 -12.90
C VAL A 29 -8.23 -6.37 -13.17
N THR A 30 -7.72 -5.59 -12.23
CA THR A 30 -7.62 -4.13 -12.39
C THR A 30 -6.19 -3.68 -12.15
N ASN A 31 -5.86 -2.48 -12.61
CA ASN A 31 -4.53 -1.91 -12.38
C ASN A 31 -4.20 -1.81 -10.90
N GLN A 32 -5.18 -1.41 -10.10
CA GLN A 32 -4.97 -1.23 -8.66
C GLN A 32 -4.76 -2.55 -7.95
N LEU A 33 -5.43 -3.61 -8.38
CA LEU A 33 -5.31 -4.93 -7.74
C LEU A 33 -3.95 -5.56 -8.01
N GLN A 34 -3.43 -5.39 -9.22
CA GLN A 34 -2.09 -5.88 -9.54
C GLN A 34 -1.04 -5.12 -8.71
N TYR A 35 -1.24 -3.81 -8.55
CA TYR A 35 -0.39 -3.01 -7.66
C TYR A 35 -0.43 -3.53 -6.22
N LEU A 36 -1.63 -3.80 -5.72
CA LEU A 36 -1.76 -4.34 -4.36
C LEU A 36 -1.04 -5.68 -4.20
N HIS A 37 -1.13 -6.53 -5.22
CA HIS A 37 -0.45 -7.84 -5.19
C HIS A 37 1.05 -7.70 -5.19
N LYS A 38 1.57 -6.91 -6.12
CA LYS A 38 3.02 -6.81 -6.32
C LYS A 38 3.67 -5.92 -5.27
N VAL A 39 3.11 -4.74 -5.06
CA VAL A 39 3.74 -3.71 -4.23
C VAL A 39 3.38 -3.86 -2.74
N VAL A 40 2.10 -4.04 -2.44
CA VAL A 40 1.66 -4.07 -1.05
C VAL A 40 1.84 -5.46 -0.45
N MET A 41 1.23 -6.47 -1.08
CA MET A 41 1.26 -7.82 -0.51
C MET A 41 2.67 -8.39 -0.41
N LYS A 42 3.45 -8.31 -1.49
CA LYS A 42 4.80 -8.87 -1.47
C LYS A 42 5.65 -8.21 -0.39
N ALA A 43 5.54 -6.90 -0.26
CA ALA A 43 6.31 -6.12 0.72
C ALA A 43 5.95 -6.51 2.16
N LEU A 44 4.65 -6.62 2.45
CA LEU A 44 4.23 -7.01 3.80
C LEU A 44 4.57 -8.46 4.09
N TRP A 45 4.41 -9.33 3.10
CA TRP A 45 4.68 -10.76 3.28
C TRP A 45 6.09 -11.05 3.74
N LYS A 46 7.05 -10.35 3.14
CA LYS A 46 8.47 -10.58 3.44
C LYS A 46 8.98 -9.91 4.71
N HIS A 47 8.15 -9.10 5.35
CA HIS A 47 8.56 -8.31 6.51
C HIS A 47 8.88 -9.17 7.70
N GLN A 48 9.85 -8.76 8.51
CA GLN A 48 10.25 -9.53 9.70
C GLN A 48 9.14 -9.70 10.74
N PHE A 49 8.13 -8.82 10.71
CA PHE A 49 7.00 -8.93 11.64
C PHE A 49 5.78 -9.62 11.02
N ALA A 50 5.91 -10.14 9.79
CA ALA A 50 4.76 -10.69 9.07
C ALA A 50 4.35 -12.09 9.53
N TRP A 51 5.26 -12.84 10.15
CA TRP A 51 5.02 -14.27 10.39
C TRP A 51 3.73 -14.60 11.16
N PRO A 52 3.32 -13.78 12.15
CA PRO A 52 2.06 -14.13 12.82
C PRO A 52 0.81 -13.95 11.93
N PHE A 53 0.96 -13.24 10.82
CA PHE A 53 -0.16 -12.86 9.96
C PHE A 53 -0.22 -13.64 8.65
N ARG A 54 0.72 -14.55 8.40
CA ARG A 54 0.78 -15.25 7.11
C ARG A 54 -0.27 -16.36 6.97
N GLN A 55 -0.74 -16.89 8.09
CA GLN A 55 -1.78 -17.92 8.13
C GLN A 55 -2.89 -17.45 9.06
N PRO A 56 -4.08 -18.06 8.97
CA PRO A 56 -5.13 -17.74 9.93
C PRO A 56 -4.70 -17.97 11.38
N VAL A 57 -5.26 -17.18 12.29
CA VAL A 57 -5.08 -17.41 13.73
C VAL A 57 -5.59 -18.81 14.06
N ASP A 58 -4.70 -19.64 14.60
CA ASP A 58 -5.02 -21.01 15.00
C ASP A 58 -5.26 -21.03 16.50
N ALA A 59 -6.53 -20.99 16.90
CA ALA A 59 -6.90 -20.86 18.31
C ALA A 59 -6.56 -22.10 19.13
N VAL A 60 -6.47 -23.27 18.48
CA VAL A 60 -6.07 -24.50 19.16
C VAL A 60 -4.57 -24.46 19.46
N LYS A 61 -3.78 -24.12 18.44
CA LYS A 61 -2.33 -24.01 18.58
C LYS A 61 -1.94 -22.98 19.65
N LEU A 62 -2.64 -21.84 19.66
CA LEU A 62 -2.32 -20.76 20.59
C LEU A 62 -3.03 -20.88 21.95
N GLY A 63 -3.95 -21.82 22.07
CA GLY A 63 -4.70 -22.00 23.33
C GLY A 63 -5.57 -20.80 23.68
N LEU A 64 -6.30 -20.31 22.69
CA LEU A 64 -7.16 -19.14 22.82
C LEU A 64 -8.62 -19.50 22.51
N PRO A 65 -9.31 -20.17 23.45
CA PRO A 65 -10.67 -20.63 23.19
C PRO A 65 -11.71 -19.51 22.99
N ASP A 66 -11.38 -18.28 23.36
CA ASP A 66 -12.27 -17.13 23.16
C ASP A 66 -12.03 -16.38 21.85
N TYR A 67 -10.99 -16.74 21.09
CA TYR A 67 -10.64 -15.95 19.89
C TYR A 67 -11.83 -15.81 18.94
N HIS A 68 -12.45 -16.93 18.59
CA HIS A 68 -13.56 -16.89 17.64
C HIS A 68 -14.86 -16.41 18.24
N LYS A 69 -14.90 -16.26 19.56
CA LYS A 69 -16.05 -15.62 20.22
C LYS A 69 -15.99 -14.10 20.07
N ILE A 70 -14.78 -13.56 20.04
CA ILE A 70 -14.57 -12.12 19.96
C ILE A 70 -14.43 -11.67 18.51
N ILE A 71 -13.70 -12.43 17.70
CA ILE A 71 -13.41 -12.07 16.32
C ILE A 71 -14.28 -12.90 15.37
N LYS A 72 -15.24 -12.23 14.73
CA LYS A 72 -16.23 -12.92 13.89
C LYS A 72 -15.88 -13.00 12.42
N GLN A 73 -14.94 -12.18 11.97
CA GLN A 73 -14.43 -12.26 10.60
C GLN A 73 -12.91 -12.37 10.63
N PRO A 74 -12.38 -13.58 10.85
CA PRO A 74 -10.93 -13.75 10.79
C PRO A 74 -10.37 -13.35 9.42
N MET A 75 -9.15 -12.84 9.41
CA MET A 75 -8.47 -12.50 8.17
C MET A 75 -6.98 -12.60 8.38
N ASP A 76 -6.26 -12.93 7.31
CA ASP A 76 -4.82 -13.11 7.33
C ASP A 76 -4.25 -12.87 5.93
N MET A 77 -2.94 -12.67 5.84
CA MET A 77 -2.26 -12.39 4.58
C MET A 77 -2.39 -13.53 3.57
N GLY A 78 -2.33 -14.77 4.06
CA GLY A 78 -2.46 -15.94 3.18
C GLY A 78 -3.78 -15.96 2.43
N THR A 79 -4.86 -15.66 3.13
CA THR A 79 -6.18 -15.57 2.53
C THR A 79 -6.25 -14.41 1.53
N ILE A 80 -5.69 -13.26 1.88
CA ILE A 80 -5.69 -12.11 0.99
C ILE A 80 -4.89 -12.43 -0.29
N LYS A 81 -3.75 -13.09 -0.12
CA LYS A 81 -2.90 -13.49 -1.24
C LYS A 81 -3.63 -14.43 -2.18
N ARG A 82 -4.29 -15.44 -1.62
CA ARG A 82 -5.09 -16.39 -2.40
C ARG A 82 -6.22 -15.68 -3.15
N ARG A 83 -6.89 -14.75 -2.49
CA ARG A 83 -7.97 -13.98 -3.10
C ARG A 83 -7.48 -13.11 -4.26
N LEU A 84 -6.31 -12.50 -4.10
CA LEU A 84 -5.70 -11.72 -5.18
C LEU A 84 -5.35 -12.61 -6.36
N GLU A 85 -4.63 -13.70 -6.08
CA GLU A 85 -4.08 -14.59 -7.09
C GLU A 85 -5.14 -15.42 -7.81
N ASN A 86 -6.31 -15.58 -7.21
CA ASN A 86 -7.44 -16.27 -7.84
C ASN A 86 -8.54 -15.30 -8.29
N ASN A 87 -8.16 -14.05 -8.54
CA ASN A 87 -9.06 -13.03 -9.08
C ASN A 87 -10.41 -12.99 -8.36
N TYR A 88 -10.36 -12.94 -7.03
CA TYR A 88 -11.54 -12.95 -6.17
C TYR A 88 -12.17 -11.56 -6.04
N TYR A 89 -11.33 -10.53 -6.02
CA TYR A 89 -11.78 -9.15 -5.80
C TYR A 89 -12.27 -8.48 -7.06
N TRP A 90 -13.31 -7.65 -6.93
CA TRP A 90 -13.84 -6.83 -8.02
C TRP A 90 -13.19 -5.48 -8.07
N ALA A 91 -12.76 -4.97 -6.90
CA ALA A 91 -12.12 -3.67 -6.81
C ALA A 91 -11.05 -3.65 -5.72
N ALA A 92 -10.06 -2.77 -5.87
CA ALA A 92 -8.97 -2.64 -4.90
C ALA A 92 -9.48 -2.29 -3.51
N SER A 93 -10.53 -1.48 -3.42
CA SER A 93 -11.12 -1.12 -2.13
C SER A 93 -11.49 -2.35 -1.30
N GLU A 94 -11.93 -3.42 -1.96
CA GLU A 94 -12.34 -4.66 -1.26
C GLU A 94 -11.14 -5.35 -0.61
N CYS A 95 -10.03 -5.38 -1.33
CA CYS A 95 -8.77 -5.93 -0.82
C CYS A 95 -8.24 -5.10 0.35
N MET A 96 -8.28 -3.78 0.20
CA MET A 96 -7.89 -2.87 1.28
C MET A 96 -8.72 -3.13 2.54
N GLN A 97 -10.02 -3.38 2.37
CA GLN A 97 -10.88 -3.69 3.51
C GLN A 97 -10.46 -4.98 4.23
N ASP A 98 -10.03 -5.99 3.46
CA ASP A 98 -9.55 -7.23 4.09
C ASP A 98 -8.26 -6.99 4.88
N PHE A 99 -7.33 -6.21 4.33
CA PHE A 99 -6.14 -5.82 5.11
C PHE A 99 -6.53 -5.11 6.40
N ASN A 100 -7.47 -4.17 6.28
CA ASN A 100 -7.96 -3.44 7.44
C ASN A 100 -8.56 -4.38 8.50
N THR A 101 -9.37 -5.34 8.06
CA THR A 101 -9.97 -6.32 8.98
C THR A 101 -8.90 -7.14 9.71
N MET A 102 -7.87 -7.56 8.99
CA MET A 102 -6.77 -8.30 9.61
C MET A 102 -6.13 -7.50 10.74
N PHE A 103 -5.84 -6.23 10.48
CA PHE A 103 -5.23 -5.36 11.48
C PHE A 103 -6.18 -5.05 12.64
N THR A 104 -7.42 -4.68 12.33
N THR A 104 -7.42 -4.67 12.32
CA THR A 104 -8.38 -4.34 13.37
CA THR A 104 -8.40 -4.33 13.36
C THR A 104 -8.69 -5.52 14.29
C THR A 104 -8.72 -5.51 14.29
N ASN A 105 -8.80 -6.72 13.73
CA ASN A 105 -9.00 -7.92 14.55
C ASN A 105 -7.91 -8.01 15.61
N CYS A 106 -6.68 -7.76 15.19
CA CYS A 106 -5.54 -7.81 16.07
C CYS A 106 -5.65 -6.79 17.21
N TYR A 107 -6.03 -5.55 16.86
CA TYR A 107 -6.13 -4.48 17.87
C TYR A 107 -7.29 -4.75 18.84
N ILE A 108 -8.38 -5.30 18.32
CA ILE A 108 -9.57 -5.54 19.14
C ILE A 108 -9.37 -6.72 20.11
N TYR A 109 -8.76 -7.80 19.63
CA TYR A 109 -8.61 -9.01 20.43
C TYR A 109 -7.53 -8.89 21.51
N ASN A 110 -6.37 -8.38 21.12
CA ASN A 110 -5.21 -8.45 21.99
C ASN A 110 -5.16 -7.34 23.03
N LYS A 111 -4.34 -7.54 24.06
CA LYS A 111 -4.13 -6.53 25.09
C LYS A 111 -3.30 -5.38 24.52
N PRO A 112 -3.57 -4.14 24.95
CA PRO A 112 -2.84 -2.97 24.47
C PRO A 112 -1.32 -3.10 24.51
N THR A 113 -0.81 -3.78 25.52
CA THR A 113 0.64 -3.88 25.73
C THR A 113 1.26 -5.11 25.05
N ASP A 114 0.46 -5.91 24.35
CA ASP A 114 0.98 -7.10 23.66
C ASP A 114 1.87 -6.69 22.49
N ASP A 115 2.98 -7.40 22.29
CA ASP A 115 3.90 -7.12 21.18
C ASP A 115 3.22 -7.21 19.82
N ILE A 116 2.25 -8.11 19.68
CA ILE A 116 1.59 -8.32 18.39
C ILE A 116 0.90 -7.05 17.90
N VAL A 117 0.43 -6.22 18.84
CA VAL A 117 -0.16 -4.92 18.49
C VAL A 117 0.86 -4.00 17.81
N LEU A 118 2.07 -3.95 18.37
N LEU A 118 2.07 -3.94 18.37
CA LEU A 118 3.15 -3.16 17.78
CA LEU A 118 3.18 -3.18 17.79
C LEU A 118 3.58 -3.68 16.41
C LEU A 118 3.53 -3.68 16.39
N MET A 119 3.55 -5.01 16.23
CA MET A 119 3.89 -5.63 14.97
C MET A 119 2.85 -5.29 13.90
N ALA A 120 1.57 -5.39 14.26
CA ALA A 120 0.48 -4.98 13.38
C ALA A 120 0.60 -3.51 12.97
N GLN A 121 0.85 -2.63 13.94
CA GLN A 121 1.00 -1.19 13.69
C GLN A 121 2.10 -0.91 12.67
N THR A 122 3.22 -1.60 12.81
CA THR A 122 4.37 -1.43 11.91
C THR A 122 3.99 -1.81 10.48
N LEU A 123 3.35 -2.96 10.33
CA LEU A 123 2.93 -3.43 9.03
C LEU A 123 1.86 -2.52 8.41
N GLU A 124 0.93 -2.04 9.24
CA GLU A 124 -0.15 -1.20 8.74
C GLU A 124 0.35 0.16 8.25
N LYS A 125 1.35 0.72 8.92
CA LYS A 125 1.96 1.97 8.45
C LYS A 125 2.55 1.80 7.04
N ILE A 126 3.20 0.66 6.78
CA ILE A 126 3.73 0.35 5.45
C ILE A 126 2.59 0.21 4.43
N PHE A 127 1.54 -0.51 4.82
CA PHE A 127 0.33 -0.65 4.00
C PHE A 127 -0.20 0.73 3.56
N LEU A 128 -0.34 1.65 4.50
CA LEU A 128 -0.87 2.99 4.20
C LEU A 128 0.05 3.80 3.30
N GLN A 129 1.36 3.72 3.56
CA GLN A 129 2.34 4.39 2.72
C GLN A 129 2.23 3.95 1.27
N LYS A 130 2.10 2.65 1.05
CA LYS A 130 2.01 2.10 -0.31
C LYS A 130 0.66 2.40 -0.95
N VAL A 131 -0.42 2.39 -0.16
CA VAL A 131 -1.74 2.70 -0.67
C VAL A 131 -1.85 4.15 -1.16
N ALA A 132 -1.09 5.05 -0.52
CA ALA A 132 -1.09 6.47 -0.89
C ALA A 132 -0.55 6.71 -2.31
N SER A 133 0.23 5.78 -2.83
CA SER A 133 0.80 5.88 -4.18
C SER A 133 0.22 4.86 -5.18
N MET A 134 -0.95 4.30 -4.85
CA MET A 134 -1.66 3.38 -5.73
C MET A 134 -2.14 4.14 -6.98
N PRO A 135 -2.22 3.48 -8.13
CA PRO A 135 -2.70 4.19 -9.32
C PRO A 135 -4.11 4.70 -9.07
N GLN A 136 -4.34 5.98 -9.37
CA GLN A 136 -5.51 6.72 -8.90
C GLN A 136 -6.88 6.25 -9.37
N GLU A 137 -6.97 5.89 -10.64
CA GLU A 137 -8.24 5.49 -11.23
C GLU A 137 -8.21 4.03 -11.56
N GLU A 138 -9.21 3.29 -11.08
CA GLU A 138 -9.22 1.87 -11.30
C GLU A 138 -9.81 1.57 -12.67
N GLN A 139 -9.06 0.79 -13.45
CA GLN A 139 -9.47 0.40 -14.80
C GLN A 139 -9.25 -1.10 -14.99
N GLU A 140 -10.26 -1.76 -15.55
CA GLU A 140 -10.19 -3.20 -15.82
C GLU A 140 -9.19 -3.47 -16.93
N LEU A 141 -8.35 -4.50 -16.74
CA LEU A 141 -7.28 -4.82 -17.69
C LEU A 141 -7.73 -5.91 -18.67
N VAL A 142 -7.25 -5.81 -19.90
CA VAL A 142 -7.55 -6.78 -20.95
C VAL A 142 -6.62 -7.98 -20.83
N VAL A 143 -7.16 -9.13 -20.44
CA VAL A 143 -6.38 -10.34 -20.23
C VAL A 143 -7.05 -11.56 -20.87
N THR B 30 -0.47 19.88 -1.51
CA THR B 30 -0.59 18.99 -2.70
C THR B 30 -2.06 18.74 -3.03
N ASN B 31 -2.30 18.22 -4.24
CA ASN B 31 -3.66 17.86 -4.67
C ASN B 31 -4.26 16.74 -3.82
N GLN B 32 -3.40 15.82 -3.37
CA GLN B 32 -3.83 14.71 -2.52
C GLN B 32 -4.29 15.19 -1.16
N LEU B 33 -3.53 16.12 -0.58
CA LEU B 33 -3.91 16.72 0.71
C LEU B 33 -5.23 17.50 0.60
N GLN B 34 -5.42 18.21 -0.50
N GLN B 34 -5.42 18.22 -0.50
CA GLN B 34 -6.67 18.91 -0.78
CA GLN B 34 -6.67 18.91 -0.77
C GLN B 34 -7.84 17.93 -0.87
C GLN B 34 -7.84 17.93 -0.86
N TYR B 35 -7.61 16.78 -1.49
CA TYR B 35 -8.60 15.71 -1.59
C TYR B 35 -8.93 15.14 -0.20
N LEU B 36 -7.90 14.88 0.59
CA LEU B 36 -8.10 14.37 1.96
C LEU B 36 -8.89 15.35 2.83
N HIS B 37 -8.73 16.64 2.58
CA HIS B 37 -9.46 17.67 3.33
C HIS B 37 -10.86 17.86 2.82
N LYS B 38 -10.95 18.27 1.56
CA LYS B 38 -12.21 18.60 0.91
C LYS B 38 -13.16 17.44 0.67
N VAL B 39 -12.61 16.28 0.33
CA VAL B 39 -13.44 15.12 0.08
C VAL B 39 -13.47 14.09 1.23
N VAL B 40 -12.30 13.57 1.61
CA VAL B 40 -12.29 12.51 2.63
C VAL B 40 -12.73 12.94 4.03
N MET B 41 -12.18 14.04 4.52
CA MET B 41 -12.51 14.55 5.86
C MET B 41 -13.94 15.07 5.94
N LYS B 42 -14.36 15.83 4.94
N LYS B 42 -14.36 15.84 4.94
CA LYS B 42 -15.70 16.40 4.89
CA LYS B 42 -15.72 16.40 4.93
C LYS B 42 -16.78 15.32 5.01
C LYS B 42 -16.78 15.31 5.01
N ALA B 43 -16.57 14.22 4.27
CA ALA B 43 -17.51 13.08 4.27
C ALA B 43 -17.56 12.39 5.64
N LEU B 44 -16.40 12.16 6.24
CA LEU B 44 -16.34 11.54 7.55
C LEU B 44 -16.93 12.45 8.63
N TRP B 45 -16.64 13.74 8.54
CA TRP B 45 -16.99 14.69 9.60
C TRP B 45 -18.47 14.78 9.86
N LYS B 46 -19.25 14.82 8.79
CA LYS B 46 -20.69 15.00 8.90
C LYS B 46 -21.45 13.69 9.13
N HIS B 47 -20.75 12.56 9.16
CA HIS B 47 -21.36 11.25 9.38
C HIS B 47 -22.01 11.16 10.74
N GLN B 48 -23.11 10.40 10.83
CA GLN B 48 -23.85 10.24 12.09
C GLN B 48 -23.05 9.61 13.24
N PHE B 49 -21.95 8.93 12.91
CA PHE B 49 -21.09 8.29 13.92
C PHE B 49 -19.83 9.11 14.23
N ALA B 50 -19.69 10.29 13.64
CA ALA B 50 -18.46 11.07 13.75
C ALA B 50 -18.35 11.86 15.06
N TRP B 51 -19.47 12.14 15.72
CA TRP B 51 -19.44 13.02 16.90
C TRP B 51 -18.44 12.68 17.98
N PRO B 52 -18.18 11.38 18.26
CA PRO B 52 -17.16 11.12 19.30
C PRO B 52 -15.72 11.40 18.86
N PHE B 53 -15.51 11.59 17.55
CA PHE B 53 -14.16 11.69 16.97
C PHE B 53 -13.77 13.10 16.53
N ARG B 54 -14.66 14.08 16.68
CA ARG B 54 -14.40 15.42 16.16
C ARG B 54 -13.48 16.27 17.02
N GLN B 55 -13.23 15.82 18.25
CA GLN B 55 -12.42 16.55 19.20
C GLN B 55 -11.64 15.52 20.02
N PRO B 56 -10.55 15.94 20.68
CA PRO B 56 -9.81 15.00 21.51
C PRO B 56 -10.67 14.35 22.58
N VAL B 57 -10.33 13.10 22.93
CA VAL B 57 -10.95 12.42 24.05
C VAL B 57 -10.65 13.21 25.34
N ASP B 58 -11.69 13.61 26.05
CA ASP B 58 -11.52 14.28 27.36
C ASP B 58 -11.66 13.23 28.46
N ALA B 59 -10.52 12.72 28.92
CA ALA B 59 -10.48 11.60 29.87
C ALA B 59 -11.05 11.96 31.23
N VAL B 60 -10.86 13.20 31.66
CA VAL B 60 -11.48 13.69 32.90
C VAL B 60 -12.99 13.74 32.82
N LYS B 61 -13.50 14.30 31.72
CA LYS B 61 -14.93 14.45 31.54
C LYS B 61 -15.63 13.09 31.45
N LEU B 62 -15.01 12.18 30.71
CA LEU B 62 -15.53 10.84 30.53
C LEU B 62 -15.39 9.95 31.75
N GLY B 63 -14.50 10.32 32.67
CA GLY B 63 -14.20 9.48 33.81
C GLY B 63 -13.40 8.25 33.42
N LEU B 64 -12.35 8.47 32.63
CA LEU B 64 -11.47 7.40 32.15
C LEU B 64 -10.03 7.70 32.54
N PRO B 65 -9.66 7.48 33.82
CA PRO B 65 -8.35 7.91 34.32
C PRO B 65 -7.15 7.16 33.74
N ASP B 66 -7.40 6.03 33.07
CA ASP B 66 -6.33 5.25 32.46
C ASP B 66 -6.16 5.49 30.96
N TYR B 67 -6.95 6.41 30.39
CA TYR B 67 -6.92 6.60 28.93
C TYR B 67 -5.53 6.98 28.43
N HIS B 68 -4.91 7.97 29.06
CA HIS B 68 -3.60 8.44 28.62
C HIS B 68 -2.46 7.55 29.04
N LYS B 69 -2.72 6.61 29.96
CA LYS B 69 -1.74 5.57 30.28
C LYS B 69 -1.67 4.52 29.18
N ILE B 70 -2.82 4.24 28.56
CA ILE B 70 -2.93 3.23 27.50
C ILE B 70 -2.67 3.82 26.11
N ILE B 71 -3.25 4.99 25.85
CA ILE B 71 -3.11 5.66 24.56
C ILE B 71 -2.06 6.76 24.66
N LYS B 72 -0.91 6.53 24.03
CA LYS B 72 0.25 7.43 24.15
C LYS B 72 0.27 8.53 23.10
N GLN B 73 -0.44 8.33 21.99
CA GLN B 73 -0.54 9.31 20.92
C GLN B 73 -2.02 9.57 20.61
N PRO B 74 -2.70 10.40 21.43
CA PRO B 74 -4.09 10.73 21.14
C PRO B 74 -4.24 11.37 19.76
N MET B 75 -5.34 11.09 19.08
CA MET B 75 -5.62 11.70 17.79
C MET B 75 -7.12 11.77 17.56
N ASP B 76 -7.54 12.79 16.82
CA ASP B 76 -8.96 13.05 16.53
C ASP B 76 -9.06 13.82 15.22
N MET B 77 -10.26 13.87 14.63
N MET B 77 -10.27 13.85 14.64
CA MET B 77 -10.43 14.52 13.34
CA MET B 77 -10.50 14.53 13.36
C MET B 77 -10.26 16.04 13.40
C MET B 77 -10.22 16.04 13.42
N GLY B 78 -10.55 16.65 14.54
CA GLY B 78 -10.32 18.09 14.74
C GLY B 78 -8.86 18.45 14.60
N THR B 79 -8.01 17.66 15.24
CA THR B 79 -6.56 17.84 15.15
C THR B 79 -6.07 17.64 13.70
N ILE B 80 -6.56 16.59 13.05
CA ILE B 80 -6.19 16.32 11.65
C ILE B 80 -6.62 17.46 10.73
N LYS B 81 -7.86 17.93 10.93
CA LYS B 81 -8.42 19.04 10.14
C LYS B 81 -7.58 20.31 10.29
N ARG B 82 -7.22 20.65 11.52
CA ARG B 82 -6.39 21.82 11.79
C ARG B 82 -5.01 21.68 11.14
N ARG B 83 -4.44 20.48 11.20
CA ARG B 83 -3.16 20.20 10.55
C ARG B 83 -3.24 20.38 9.03
N LEU B 84 -4.33 19.90 8.43
CA LEU B 84 -4.56 20.06 6.99
C LEU B 84 -4.65 21.53 6.60
N GLU B 85 -5.32 22.33 7.44
CA GLU B 85 -5.56 23.75 7.16
C GLU B 85 -4.35 24.64 7.45
N ASN B 86 -3.39 24.15 8.23
CA ASN B 86 -2.19 24.90 8.57
C ASN B 86 -0.92 24.39 7.86
N ASN B 87 -1.09 23.67 6.76
CA ASN B 87 0.03 23.14 5.97
C ASN B 87 1.04 22.37 6.83
N TYR B 88 0.53 21.54 7.73
CA TYR B 88 1.36 20.73 8.62
C TYR B 88 1.96 19.53 7.88
N TYR B 89 1.17 18.89 7.03
CA TYR B 89 1.59 17.68 6.34
C TYR B 89 2.44 17.99 5.11
N TRP B 90 3.43 17.14 4.88
CA TRP B 90 4.26 17.23 3.69
C TRP B 90 3.84 16.24 2.64
N ALA B 91 3.15 15.17 3.05
CA ALA B 91 2.65 14.16 2.12
C ALA B 91 1.31 13.60 2.60
N ALA B 92 0.52 13.09 1.65
CA ALA B 92 -0.78 12.48 1.95
C ALA B 92 -0.65 11.33 2.94
N SER B 93 0.39 10.52 2.78
N SER B 93 0.39 10.51 2.79
CA SER B 93 0.64 9.38 3.65
CA SER B 93 0.60 9.36 3.66
C SER B 93 0.67 9.76 5.13
C SER B 93 0.68 9.76 5.14
N GLU B 94 1.25 10.93 5.42
CA GLU B 94 1.37 11.42 6.80
C GLU B 94 0.00 11.69 7.44
N CYS B 95 -0.88 12.31 6.66
CA CYS B 95 -2.27 12.53 7.06
C CYS B 95 -3.01 11.22 7.26
N MET B 96 -2.82 10.28 6.32
CA MET B 96 -3.44 8.97 6.44
C MET B 96 -2.99 8.25 7.72
N GLN B 97 -1.72 8.40 8.09
CA GLN B 97 -1.23 7.79 9.34
C GLN B 97 -1.96 8.35 10.56
N ASP B 98 -2.24 9.65 10.57
CA ASP B 98 -2.99 10.24 11.68
C ASP B 98 -4.43 9.70 11.75
N PHE B 99 -5.10 9.56 10.60
CA PHE B 99 -6.41 8.91 10.60
C PHE B 99 -6.30 7.51 11.22
N ASN B 100 -5.31 6.75 10.77
CA ASN B 100 -5.09 5.41 11.29
C ASN B 100 -4.85 5.37 12.80
N THR B 101 -4.05 6.31 13.31
CA THR B 101 -3.82 6.40 14.75
C THR B 101 -5.11 6.64 15.52
N MET B 102 -5.95 7.53 15.00
CA MET B 102 -7.24 7.81 15.62
C MET B 102 -8.07 6.53 15.74
N PHE B 103 -8.19 5.77 14.66
CA PHE B 103 -9.01 4.55 14.68
C PHE B 103 -8.37 3.46 15.56
N THR B 104 -7.06 3.24 15.40
N THR B 104 -7.06 3.24 15.40
CA THR B 104 -6.35 2.22 16.17
CA THR B 104 -6.36 2.22 16.17
C THR B 104 -6.40 2.49 17.67
C THR B 104 -6.43 2.49 17.67
N ASN B 105 -6.31 3.76 18.07
CA ASN B 105 -6.45 4.13 19.49
C ASN B 105 -7.79 3.64 20.03
N CYS B 106 -8.85 3.86 19.24
CA CYS B 106 -10.19 3.44 19.60
C CYS B 106 -10.29 1.92 19.83
N TYR B 107 -9.73 1.15 18.90
CA TYR B 107 -9.75 -0.32 18.99
C TYR B 107 -8.90 -0.85 20.15
N ILE B 108 -7.77 -0.21 20.40
CA ILE B 108 -6.88 -0.62 21.47
C ILE B 108 -7.47 -0.36 22.86
N TYR B 109 -8.03 0.84 23.05
CA TYR B 109 -8.51 1.25 24.37
C TYR B 109 -9.82 0.59 24.80
N ASN B 110 -10.80 0.57 23.91
CA ASN B 110 -12.15 0.18 24.27
C ASN B 110 -12.36 -1.33 24.27
N LYS B 111 -13.45 -1.76 24.90
CA LYS B 111 -13.80 -3.18 24.91
C LYS B 111 -14.31 -3.59 23.53
N PRO B 112 -14.04 -4.84 23.12
CA PRO B 112 -14.50 -5.32 21.81
C PRO B 112 -15.99 -5.12 21.56
N THR B 113 -16.79 -5.23 22.61
CA THR B 113 -18.25 -5.13 22.51
C THR B 113 -18.79 -3.71 22.62
N ASP B 114 -17.92 -2.72 22.81
CA ASP B 114 -18.37 -1.32 22.89
C ASP B 114 -18.87 -0.81 21.55
N ASP B 115 -19.96 -0.04 21.57
CA ASP B 115 -20.51 0.57 20.35
C ASP B 115 -19.49 1.45 19.63
N ILE B 116 -18.63 2.12 20.38
CA ILE B 116 -17.66 3.04 19.79
C ILE B 116 -16.74 2.32 18.80
N VAL B 117 -16.49 1.04 19.04
CA VAL B 117 -15.67 0.23 18.14
C VAL B 117 -16.38 0.06 16.77
N LEU B 118 -17.67 -0.23 16.80
N LEU B 118 -17.67 -0.24 16.80
CA LEU B 118 -18.48 -0.35 15.58
CA LEU B 118 -18.48 -0.35 15.57
C LEU B 118 -18.55 0.98 14.82
C LEU B 118 -18.52 0.98 14.82
N MET B 119 -18.62 2.09 15.57
CA MET B 119 -18.68 3.42 14.98
C MET B 119 -17.36 3.74 14.27
N ALA B 120 -16.25 3.47 14.96
CA ALA B 120 -14.93 3.64 14.34
C ALA B 120 -14.77 2.79 13.07
N GLN B 121 -15.18 1.52 13.15
CA GLN B 121 -15.07 0.61 12.00
C GLN B 121 -15.83 1.13 10.79
N THR B 122 -17.01 1.69 11.02
CA THR B 122 -17.83 2.24 9.95
C THR B 122 -17.15 3.43 9.27
N LEU B 123 -16.63 4.35 10.07
CA LEU B 123 -15.94 5.51 9.54
C LEU B 123 -14.67 5.10 8.80
N GLU B 124 -13.95 4.14 9.36
CA GLU B 124 -12.69 3.66 8.77
C GLU B 124 -12.90 3.03 7.39
N LYS B 125 -14.00 2.29 7.24
N LYS B 125 -14.00 2.29 7.23
CA LYS B 125 -14.39 1.70 5.96
CA LYS B 125 -14.32 1.69 5.93
C LYS B 125 -14.56 2.77 4.89
C LYS B 125 -14.59 2.77 4.87
N ILE B 126 -15.23 3.86 5.27
CA ILE B 126 -15.45 5.00 4.37
C ILE B 126 -14.11 5.67 4.01
N PHE B 127 -13.26 5.86 5.02
CA PHE B 127 -11.91 6.41 4.83
C PHE B 127 -11.15 5.64 3.74
N LEU B 128 -11.13 4.31 3.87
CA LEU B 128 -10.42 3.47 2.90
C LEU B 128 -11.04 3.55 1.50
N GLN B 129 -12.37 3.54 1.43
CA GLN B 129 -13.07 3.66 0.14
C GLN B 129 -12.68 4.94 -0.58
N LYS B 130 -12.68 6.06 0.16
CA LYS B 130 -12.35 7.35 -0.41
C LYS B 130 -10.85 7.44 -0.74
N VAL B 131 -10.01 6.82 0.07
CA VAL B 131 -8.57 6.78 -0.20
C VAL B 131 -8.26 6.03 -1.49
N ALA B 132 -9.03 4.98 -1.79
CA ALA B 132 -8.85 4.21 -3.02
C ALA B 132 -9.04 5.06 -4.29
N SER B 133 -9.83 6.12 -4.19
CA SER B 133 -10.10 7.02 -5.32
C SER B 133 -9.30 8.32 -5.28
N MET B 134 -8.32 8.41 -4.37
CA MET B 134 -7.51 9.61 -4.24
C MET B 134 -6.67 9.81 -5.51
N PRO B 135 -6.64 11.05 -6.04
CA PRO B 135 -5.86 11.30 -7.25
C PRO B 135 -4.35 11.11 -7.06
N GLN B 136 -3.64 10.83 -8.15
CA GLN B 136 -2.20 10.54 -8.09
C GLN B 136 -1.36 11.81 -7.86
N GLU B 137 -0.04 11.62 -7.78
CA GLU B 137 0.92 12.71 -7.59
C GLU B 137 0.72 13.43 -6.26
N VAL C 29 34.21 0.46 -20.81
CA VAL C 29 35.14 0.22 -19.68
C VAL C 29 34.40 -0.12 -18.40
N THR C 30 35.16 -0.61 -17.41
CA THR C 30 34.60 -1.01 -16.11
C THR C 30 34.05 0.18 -15.32
N ASN C 31 34.67 1.35 -15.48
CA ASN C 31 34.22 2.56 -14.79
C ASN C 31 32.83 3.01 -15.24
N GLN C 32 32.58 2.97 -16.54
CA GLN C 32 31.26 3.33 -17.09
C GLN C 32 30.20 2.34 -16.60
N LEU C 33 30.51 1.05 -16.66
CA LEU C 33 29.58 0.01 -16.23
C LEU C 33 29.31 0.09 -14.73
N GLN C 34 30.34 0.41 -13.95
CA GLN C 34 30.17 0.62 -12.51
C GLN C 34 29.24 1.80 -12.25
N TYR C 35 29.36 2.85 -13.06
CA TYR C 35 28.46 4.00 -12.97
C TYR C 35 27.03 3.60 -13.30
N LEU C 36 26.86 2.82 -14.37
CA LEU C 36 25.52 2.34 -14.74
C LEU C 36 24.91 1.45 -13.65
N HIS C 37 25.76 0.70 -12.94
CA HIS C 37 25.30 -0.13 -11.83
C HIS C 37 25.04 0.67 -10.60
N LYS C 38 26.08 1.39 -10.15
CA LYS C 38 26.04 2.08 -8.85
C LYS C 38 25.28 3.41 -8.85
N VAL C 39 25.06 4.00 -10.03
CA VAL C 39 24.34 5.27 -10.13
C VAL C 39 23.01 5.11 -10.87
N VAL C 40 23.08 4.63 -12.11
CA VAL C 40 21.89 4.55 -12.96
C VAL C 40 20.89 3.52 -12.43
N MET C 41 21.34 2.28 -12.19
CA MET C 41 20.44 1.22 -11.74
C MET C 41 19.97 1.44 -10.30
N LYS C 42 20.86 1.92 -9.43
CA LYS C 42 20.46 2.28 -8.06
C LYS C 42 19.26 3.23 -8.02
N ALA C 43 19.27 4.25 -8.89
CA ALA C 43 18.22 5.27 -8.92
C ALA C 43 16.92 4.78 -9.56
N LEU C 44 17.00 3.71 -10.35
CA LEU C 44 15.84 3.16 -11.04
C LEU C 44 15.23 1.97 -10.30
N TRP C 45 16.08 1.12 -9.75
CA TRP C 45 15.64 -0.12 -9.10
C TRP C 45 14.58 0.10 -8.04
N LYS C 46 14.77 1.13 -7.22
CA LYS C 46 13.89 1.43 -6.08
C LYS C 46 12.84 2.51 -6.36
N HIS C 47 12.81 3.02 -7.59
CA HIS C 47 11.82 4.03 -7.98
C HIS C 47 10.43 3.47 -7.84
N GLN C 48 9.48 4.34 -7.51
CA GLN C 48 8.09 3.91 -7.29
C GLN C 48 7.41 3.28 -8.52
N PHE C 49 7.91 3.59 -9.72
CA PHE C 49 7.36 3.04 -10.97
C PHE C 49 8.15 1.84 -11.50
N ALA C 50 9.17 1.39 -10.77
CA ALA C 50 10.05 0.31 -11.25
C ALA C 50 9.43 -1.09 -11.19
N TRP C 51 8.42 -1.27 -10.33
CA TRP C 51 7.95 -2.63 -10.02
C TRP C 51 7.52 -3.51 -11.17
N PRO C 52 6.89 -2.96 -12.24
CA PRO C 52 6.55 -3.85 -13.35
C PRO C 52 7.76 -4.29 -14.19
N PHE C 53 8.89 -3.63 -13.99
CA PHE C 53 10.09 -3.86 -14.79
C PHE C 53 11.19 -4.66 -14.07
N ARG C 54 10.96 -5.04 -12.80
CA ARG C 54 12.02 -5.71 -12.04
C ARG C 54 12.19 -7.19 -12.39
N GLN C 55 11.23 -7.75 -13.13
CA GLN C 55 11.31 -9.14 -13.60
C GLN C 55 10.79 -9.21 -15.03
N PRO C 56 11.16 -10.26 -15.79
CA PRO C 56 10.62 -10.40 -17.13
C PRO C 56 9.09 -10.41 -17.16
N VAL C 57 8.51 -9.92 -18.25
CA VAL C 57 7.08 -10.04 -18.47
C VAL C 57 6.73 -11.53 -18.54
N ASP C 58 5.90 -11.99 -17.60
CA ASP C 58 5.42 -13.37 -17.61
C ASP C 58 4.08 -13.37 -18.34
N ALA C 59 4.11 -13.68 -19.64
CA ALA C 59 2.92 -13.58 -20.49
C ALA C 59 1.85 -14.62 -20.14
N VAL C 60 2.27 -15.74 -19.56
CA VAL C 60 1.32 -16.75 -19.11
C VAL C 60 0.60 -16.28 -17.84
N LYS C 61 1.36 -15.82 -16.86
CA LYS C 61 0.80 -15.35 -15.59
C LYS C 61 -0.11 -14.12 -15.79
N LEU C 62 0.26 -13.24 -16.71
CA LEU C 62 -0.49 -12.01 -16.95
C LEU C 62 -1.66 -12.19 -17.93
N GLY C 63 -1.74 -13.34 -18.59
CA GLY C 63 -2.80 -13.60 -19.56
C GLY C 63 -2.65 -12.80 -20.84
N LEU C 64 -1.42 -12.79 -21.37
CA LEU C 64 -1.08 -12.03 -22.57
C LEU C 64 -0.49 -12.97 -23.63
N PRO C 65 -1.34 -13.81 -24.24
CA PRO C 65 -0.82 -14.84 -25.16
C PRO C 65 -0.10 -14.29 -26.40
N ASP C 66 -0.33 -13.03 -26.74
CA ASP C 66 0.26 -12.43 -27.92
C ASP C 66 1.56 -11.66 -27.63
N TYR C 67 1.99 -11.63 -26.37
CA TYR C 67 3.14 -10.81 -26.01
C TYR C 67 4.39 -11.18 -26.80
N HIS C 68 4.70 -12.48 -26.87
CA HIS C 68 5.92 -12.91 -27.56
C HIS C 68 5.73 -13.06 -29.05
N LYS C 69 4.51 -12.81 -29.54
CA LYS C 69 4.27 -12.69 -30.97
C LYS C 69 4.63 -11.29 -31.45
N ILE C 70 4.41 -10.31 -30.58
CA ILE C 70 4.65 -8.89 -30.90
C ILE C 70 6.07 -8.47 -30.52
N ILE C 71 6.50 -8.86 -29.32
CA ILE C 71 7.81 -8.48 -28.79
C ILE C 71 8.82 -9.60 -29.04
N LYS C 72 9.84 -9.32 -29.83
CA LYS C 72 10.80 -10.36 -30.26
C LYS C 72 12.00 -10.54 -29.32
N GLN C 73 12.35 -9.48 -28.59
N GLN C 73 12.34 -9.48 -28.60
CA GLN C 73 13.50 -9.52 -27.68
CA GLN C 73 13.48 -9.49 -27.69
C GLN C 73 13.12 -8.93 -26.33
C GLN C 73 13.08 -8.92 -26.33
N PRO C 74 12.54 -9.77 -25.45
CA PRO C 74 12.18 -9.32 -24.11
C PRO C 74 13.38 -8.80 -23.31
N MET C 75 13.14 -7.81 -22.48
CA MET C 75 14.18 -7.32 -21.57
C MET C 75 13.52 -6.70 -20.35
N ASP C 76 14.25 -6.72 -19.24
CA ASP C 76 13.74 -6.17 -17.98
C ASP C 76 14.90 -5.73 -17.09
N MET C 77 14.59 -4.96 -16.05
CA MET C 77 15.63 -4.42 -15.15
C MET C 77 16.27 -5.49 -14.27
N GLY C 78 15.53 -6.54 -13.94
CA GLY C 78 16.10 -7.67 -13.19
C GLY C 78 17.25 -8.30 -13.95
N THR C 79 17.01 -8.57 -15.22
CA THR C 79 18.03 -9.15 -16.10
C THR C 79 19.22 -8.20 -16.23
N ILE C 80 18.95 -6.92 -16.40
CA ILE C 80 20.02 -5.93 -16.55
C ILE C 80 20.85 -5.84 -15.28
N LYS C 81 20.17 -5.81 -14.13
CA LYS C 81 20.83 -5.78 -12.83
C LYS C 81 21.73 -7.00 -12.64
N ARG C 82 21.22 -8.19 -12.95
CA ARG C 82 22.03 -9.41 -12.86
C ARG C 82 23.28 -9.32 -13.74
N ARG C 83 23.09 -8.82 -14.97
CA ARG C 83 24.20 -8.70 -15.93
C ARG C 83 25.28 -7.74 -15.45
N LEU C 84 24.88 -6.61 -14.88
CA LEU C 84 25.83 -5.69 -14.27
C LEU C 84 26.59 -6.35 -13.11
N GLU C 85 25.86 -7.08 -12.27
CA GLU C 85 26.45 -7.78 -11.11
C GLU C 85 27.41 -8.89 -11.50
N ASN C 86 27.11 -9.57 -12.61
CA ASN C 86 27.88 -10.73 -13.06
C ASN C 86 28.91 -10.45 -14.16
N ASN C 87 29.17 -9.16 -14.43
CA ASN C 87 30.18 -8.76 -15.42
C ASN C 87 29.86 -9.24 -16.84
N TYR C 88 28.58 -9.35 -17.15
CA TYR C 88 28.14 -9.81 -18.47
C TYR C 88 28.54 -8.87 -19.60
N TYR C 89 28.43 -7.55 -19.37
CA TYR C 89 28.62 -6.56 -20.43
C TYR C 89 30.09 -6.25 -20.73
N TRP C 90 30.36 -5.96 -22.01
CA TRP C 90 31.69 -5.52 -22.47
C TRP C 90 31.81 -4.04 -22.64
N ALA C 91 30.67 -3.36 -22.84
CA ALA C 91 30.67 -1.93 -23.02
C ALA C 91 29.40 -1.34 -22.44
N ALA C 92 29.49 -0.10 -21.98
CA ALA C 92 28.32 0.62 -21.47
C ALA C 92 27.19 0.63 -22.49
N SER C 93 27.55 0.74 -23.78
CA SER C 93 26.55 0.78 -24.85
C SER C 93 25.62 -0.43 -24.85
N GLU C 94 26.15 -1.61 -24.50
CA GLU C 94 25.34 -2.82 -24.45
C GLU C 94 24.27 -2.75 -23.36
N CYS C 95 24.66 -2.24 -22.20
CA CYS C 95 23.73 -2.05 -21.09
C CYS C 95 22.67 -1.02 -21.46
N MET C 96 23.12 0.08 -22.06
CA MET C 96 22.23 1.13 -22.53
C MET C 96 21.20 0.59 -23.52
N GLN C 97 21.65 -0.27 -24.44
CA GLN C 97 20.75 -0.85 -25.44
C GLN C 97 19.71 -1.77 -24.79
N ASP C 98 20.12 -2.50 -23.75
CA ASP C 98 19.17 -3.33 -23.01
C ASP C 98 18.08 -2.49 -22.32
N PHE C 99 18.46 -1.40 -21.67
CA PHE C 99 17.46 -0.45 -21.14
C PHE C 99 16.54 0.05 -22.25
N ASN C 100 17.13 0.45 -23.38
CA ASN C 100 16.34 0.92 -24.51
C ASN C 100 15.33 -0.10 -24.99
N THR C 101 15.78 -1.35 -25.12
CA THR C 101 14.91 -2.44 -25.55
C THR C 101 13.75 -2.64 -24.59
N MET C 102 14.04 -2.63 -23.29
CA MET C 102 13.01 -2.75 -22.25
C MET C 102 11.94 -1.68 -22.41
N PHE C 103 12.35 -0.42 -22.54
CA PHE C 103 11.38 0.68 -22.65
C PHE C 103 10.63 0.62 -23.97
N THR C 104 11.35 0.39 -25.06
CA THR C 104 10.76 0.31 -26.39
C THR C 104 9.71 -0.81 -26.46
N ASN C 105 10.03 -1.98 -25.91
CA ASN C 105 9.06 -3.08 -25.86
C ASN C 105 7.75 -2.63 -25.21
N CYS C 106 7.89 -1.90 -24.10
CA CYS C 106 6.76 -1.39 -23.34
C CYS C 106 5.87 -0.48 -24.19
N TYR C 107 6.49 0.47 -24.88
CA TYR C 107 5.75 1.43 -25.71
C TYR C 107 5.07 0.76 -26.90
N ILE C 108 5.73 -0.23 -27.48
CA ILE C 108 5.21 -0.93 -28.65
C ILE C 108 4.01 -1.81 -28.26
N TYR C 109 4.16 -2.58 -27.18
CA TYR C 109 3.12 -3.54 -26.82
C TYR C 109 1.85 -2.91 -26.21
N ASN C 110 2.04 -1.97 -25.30
CA ASN C 110 0.92 -1.47 -24.51
C ASN C 110 0.16 -0.34 -25.21
N LYS C 111 -1.04 -0.05 -24.73
CA LYS C 111 -1.86 1.02 -25.31
C LYS C 111 -1.31 2.37 -24.83
N PRO C 112 -1.39 3.40 -25.68
CA PRO C 112 -0.88 4.73 -25.32
C PRO C 112 -1.36 5.28 -23.97
N THR C 113 -2.61 5.00 -23.61
CA THR C 113 -3.21 5.53 -22.39
C THR C 113 -2.97 4.68 -21.13
N ASP C 114 -2.32 3.53 -21.30
CA ASP C 114 -2.03 2.64 -20.16
C ASP C 114 -1.08 3.28 -19.15
N ASP C 115 -1.31 2.99 -17.88
CA ASP C 115 -0.44 3.46 -16.79
C ASP C 115 1.03 3.15 -17.05
N ILE C 116 1.29 1.95 -17.56
CA ILE C 116 2.66 1.48 -17.74
C ILE C 116 3.46 2.38 -18.69
N VAL C 117 2.78 3.02 -19.65
CA VAL C 117 3.47 3.90 -20.60
C VAL C 117 4.05 5.13 -19.89
N LEU C 118 3.24 5.80 -19.07
CA LEU C 118 3.72 6.94 -18.28
C LEU C 118 4.83 6.53 -17.33
N MET C 119 4.73 5.33 -16.77
CA MET C 119 5.74 4.81 -15.86
C MET C 119 7.07 4.63 -16.59
N ALA C 120 7.02 3.99 -17.75
CA ALA C 120 8.21 3.83 -18.59
C ALA C 120 8.82 5.19 -18.98
N GLN C 121 7.99 6.13 -19.42
CA GLN C 121 8.45 7.47 -19.79
C GLN C 121 9.21 8.17 -18.67
N THR C 122 8.69 8.05 -17.45
CA THR C 122 9.30 8.68 -16.27
C THR C 122 10.66 8.06 -15.98
N LEU C 123 10.70 6.73 -15.98
CA LEU C 123 11.93 5.99 -15.73
C LEU C 123 12.97 6.24 -16.80
N GLU C 124 12.55 6.26 -18.06
CA GLU C 124 13.50 6.46 -19.18
C GLU C 124 14.13 7.86 -19.17
N LYS C 125 13.36 8.88 -18.80
CA LYS C 125 13.92 10.23 -18.72
C LYS C 125 15.02 10.31 -17.65
N ILE C 126 14.80 9.64 -16.51
CA ILE C 126 15.83 9.57 -15.46
C ILE C 126 17.07 8.83 -15.97
N PHE C 127 16.85 7.68 -16.61
CA PHE C 127 17.93 6.90 -17.22
C PHE C 127 18.78 7.77 -18.13
N LEU C 128 18.14 8.46 -19.07
CA LEU C 128 18.88 9.28 -20.03
C LEU C 128 19.61 10.44 -19.36
N GLN C 129 18.98 11.05 -18.35
CA GLN C 129 19.59 12.14 -17.62
C GLN C 129 20.89 11.69 -16.96
N LYS C 130 20.86 10.51 -16.36
CA LYS C 130 22.03 9.94 -15.70
C LYS C 130 23.11 9.53 -16.70
N VAL C 131 22.70 8.97 -17.84
CA VAL C 131 23.66 8.58 -18.87
C VAL C 131 24.47 9.78 -19.37
N ALA C 132 23.82 10.93 -19.44
CA ALA C 132 24.46 12.17 -19.89
C ALA C 132 25.64 12.58 -19.00
N SER C 133 25.66 12.11 -17.75
CA SER C 133 26.74 12.40 -16.80
C SER C 133 27.67 11.19 -16.56
N MET C 134 27.59 10.19 -17.42
CA MET C 134 28.42 9.00 -17.31
C MET C 134 29.88 9.35 -17.65
N PRO C 135 30.85 8.73 -16.94
CA PRO C 135 32.27 9.03 -17.20
C PRO C 135 32.72 8.64 -18.61
#